data_4PX1
#
_entry.id   4PX1
#
_cell.length_a   109.568
_cell.length_b   109.568
_cell.length_c   184.772
_cell.angle_alpha   90.00
_cell.angle_beta   90.00
_cell.angle_gamma   120.00
#
_symmetry.space_group_name_H-M   'P 65 2 2'
#
loop_
_entity.id
_entity.type
_entity.pdbx_description
1 polymer 'Maleylacetoacetate isomerase (Glutathione S-transferase)'
2 non-polymer 'MALONIC ACID'
3 non-polymer 'CHLORIDE ION'
4 water water
#
_entity_poly.entity_id   1
_entity_poly.type   'polypeptide(L)'
_entity_poly.pdbx_seq_one_letter_code
;MHHHHHHSSGVDLGTENLYFQSMVKMYGNWRSAAAFRVRIALNLKGIAYEEVFLDLDAGDQHKPDFLAINPQGAVPALFD
GDGPPLTQSLAILDYLEETRTGVPLLPEEPRARARARSLAQVVACDTHPLYVPRVRTFLMENYGLPRERMLEFLRNAFIT
GLKTLETRLSNEAGTGRFCQGDAVSHADLCLISLWVGTGIFGIDTAAYPTVKRISEEVLALDAVARAHPLRQPGAPAS
;
_entity_poly.pdbx_strand_id   A,B
#
loop_
_chem_comp.id
_chem_comp.type
_chem_comp.name
_chem_comp.formula
CL non-polymer 'CHLORIDE ION' 'Cl -1'
MLA non-polymer 'MALONIC ACID' 'C3 H4 O4'
#
# COMPACT_ATOMS: atom_id res chain seq x y z
N SER A 22 -12.72 -18.31 18.73
CA SER A 22 -12.15 -19.69 18.86
C SER A 22 -11.69 -20.33 17.54
N MET A 23 -11.97 -19.68 16.41
CA MET A 23 -11.30 -19.97 15.12
C MET A 23 -11.29 -18.70 14.25
N VAL A 24 -10.21 -18.48 13.52
CA VAL A 24 -10.09 -17.23 12.72
C VAL A 24 -11.11 -17.26 11.59
N LYS A 25 -11.75 -16.13 11.33
CA LYS A 25 -12.76 -16.08 10.29
C LYS A 25 -12.39 -14.97 9.32
N MET A 26 -12.31 -15.32 8.04
CA MET A 26 -12.01 -14.33 7.02
C MET A 26 -13.18 -14.15 6.08
N TYR A 27 -13.47 -12.89 5.75
CA TYR A 27 -14.40 -12.56 4.68
C TYR A 27 -13.57 -12.23 3.46
N GLY A 28 -13.73 -13.03 2.41
CA GLY A 28 -12.87 -12.94 1.24
C GLY A 28 -13.64 -12.97 -0.06
N ASN A 29 -12.94 -13.37 -1.11
CA ASN A 29 -13.45 -13.36 -2.48
C ASN A 29 -12.48 -14.20 -3.28
N TRP A 30 -12.97 -14.98 -4.26
CA TRP A 30 -12.07 -15.83 -5.02
C TRP A 30 -10.97 -15.08 -5.75
N ARG A 31 -11.29 -13.93 -6.34
CA ARG A 31 -10.37 -13.28 -7.26
C ARG A 31 -9.37 -12.34 -6.57
N SER A 32 -9.79 -11.76 -5.46
CA SER A 32 -9.05 -10.70 -4.76
C SER A 32 -7.60 -11.09 -4.46
N ALA A 33 -6.65 -10.29 -4.96
CA ALA A 33 -5.25 -10.48 -4.64
C ALA A 33 -4.97 -10.25 -3.16
N ALA A 34 -5.63 -9.26 -2.57
CA ALA A 34 -5.44 -9.00 -1.14
C ALA A 34 -5.89 -10.19 -0.29
N ALA A 35 -7.04 -10.78 -0.61
CA ALA A 35 -7.51 -11.99 0.08
C ALA A 35 -6.54 -13.16 -0.12
N PHE A 36 -6.02 -13.32 -1.34
CA PHE A 36 -5.04 -14.36 -1.64
C PHE A 36 -3.81 -14.26 -0.75
N ARG A 37 -3.26 -13.05 -0.58
CA ARG A 37 -2.07 -12.87 0.24
C ARG A 37 -2.29 -13.36 1.65
N VAL A 38 -3.43 -13.00 2.21
CA VAL A 38 -3.75 -13.35 3.59
C VAL A 38 -3.96 -14.86 3.70
N ARG A 39 -4.63 -15.41 2.69
CA ARG A 39 -4.94 -16.82 2.65
C ARG A 39 -3.66 -17.65 2.65
N ILE A 40 -2.69 -17.23 1.83
CA ILE A 40 -1.37 -17.86 1.80
C ILE A 40 -0.71 -17.86 3.19
N ALA A 41 -0.71 -16.69 3.83
CA ALA A 41 -0.06 -16.54 5.15
C ALA A 41 -0.69 -17.46 6.19
N LEU A 42 -2.01 -17.51 6.18
CA LEU A 42 -2.75 -18.36 7.12
C LEU A 42 -2.34 -19.82 6.90
N ASN A 43 -2.30 -20.26 5.64
CA ASN A 43 -1.85 -21.60 5.31
C ASN A 43 -0.41 -21.88 5.68
N LEU A 44 0.49 -20.98 5.34
CA LEU A 44 1.92 -21.19 5.62
C LEU A 44 2.18 -21.30 7.11
N LYS A 45 1.44 -20.54 7.90
CA LYS A 45 1.62 -20.52 9.33
C LYS A 45 0.81 -21.61 10.05
N GLY A 46 -0.01 -22.37 9.32
CA GLY A 46 -0.80 -23.44 9.90
C GLY A 46 -1.92 -22.96 10.78
N ILE A 47 -2.51 -21.82 10.45
CA ILE A 47 -3.55 -21.22 11.25
C ILE A 47 -4.88 -21.70 10.69
N ALA A 48 -5.66 -22.37 11.53
CA ALA A 48 -6.99 -22.83 11.15
C ALA A 48 -7.90 -21.63 10.94
N TYR A 49 -8.68 -21.65 9.87
CA TYR A 49 -9.61 -20.58 9.63
C TYR A 49 -10.76 -21.05 8.77
N GLU A 50 -11.79 -20.24 8.73
CA GLU A 50 -12.85 -20.40 7.75
C GLU A 50 -12.99 -19.12 6.96
N GLU A 51 -13.28 -19.26 5.69
CA GLU A 51 -13.45 -18.12 4.82
C GLU A 51 -14.85 -18.08 4.26
N VAL A 52 -15.47 -16.91 4.34
CA VAL A 52 -16.74 -16.63 3.72
C VAL A 52 -16.50 -15.83 2.46
N PHE A 53 -17.03 -16.34 1.35
CA PHE A 53 -16.79 -15.73 0.04
C PHE A 53 -17.88 -14.77 -0.41
N LEU A 54 -17.48 -13.52 -0.68
CA LEU A 54 -18.39 -12.50 -1.16
C LEU A 54 -18.25 -12.30 -2.66
N ASP A 55 -19.37 -12.00 -3.32
CA ASP A 55 -19.36 -11.54 -4.71
C ASP A 55 -19.16 -10.03 -4.85
N LEU A 56 -17.92 -9.62 -5.11
CA LEU A 56 -17.59 -8.21 -5.19
C LEU A 56 -18.10 -7.52 -6.47
N ASP A 57 -18.43 -8.31 -7.49
CA ASP A 57 -19.00 -7.77 -8.73
C ASP A 57 -20.51 -7.56 -8.65
N ALA A 58 -21.16 -8.30 -7.74
CA ALA A 58 -22.60 -8.22 -7.50
C ALA A 58 -22.95 -7.37 -6.27
N GLY A 59 -22.00 -6.58 -5.80
CA GLY A 59 -22.22 -5.64 -4.70
C GLY A 59 -22.49 -6.22 -3.30
N ASP A 60 -21.92 -7.39 -3.00
CA ASP A 60 -22.08 -7.99 -1.65
C ASP A 60 -21.38 -7.16 -0.58
N GLN A 61 -20.28 -6.52 -0.96
CA GLN A 61 -19.54 -5.65 -0.05
C GLN A 61 -20.33 -4.42 0.41
N HIS A 62 -21.42 -4.09 -0.31
CA HIS A 62 -22.28 -2.94 0.04
C HIS A 62 -23.59 -3.33 0.74
N LYS A 63 -23.79 -4.62 1.02
CA LYS A 63 -25.02 -5.09 1.67
C LYS A 63 -25.05 -4.86 3.19
N PRO A 64 -26.18 -4.33 3.71
CA PRO A 64 -26.27 -3.84 5.08
C PRO A 64 -25.96 -4.87 6.17
N ASP A 65 -26.26 -6.14 5.91
CA ASP A 65 -26.02 -7.19 6.89
C ASP A 65 -24.51 -7.42 7.11
N PHE A 66 -23.75 -7.37 6.02
CA PHE A 66 -22.29 -7.46 6.08
C PHE A 66 -21.69 -6.19 6.70
N LEU A 67 -22.20 -5.04 6.28
CA LEU A 67 -21.83 -3.75 6.84
C LEU A 67 -22.04 -3.65 8.36
N ALA A 68 -23.01 -4.41 8.87
CA ALA A 68 -23.26 -4.50 10.31
C ALA A 68 -22.05 -4.96 11.11
N ILE A 69 -21.22 -5.83 10.53
CA ILE A 69 -19.99 -6.29 11.19
C ILE A 69 -18.73 -5.65 10.60
N ASN A 70 -18.88 -4.92 9.49
CA ASN A 70 -17.78 -4.28 8.79
C ASN A 70 -18.26 -2.99 8.10
N PRO A 71 -18.40 -1.90 8.89
CA PRO A 71 -19.01 -0.65 8.44
C PRO A 71 -18.48 -0.05 7.14
N GLN A 72 -17.18 -0.16 6.91
CA GLN A 72 -16.60 0.42 5.69
C GLN A 72 -16.51 -0.61 4.55
N GLY A 73 -16.97 -1.83 4.80
CA GLY A 73 -17.16 -2.83 3.74
C GLY A 73 -15.89 -3.46 3.18
N ALA A 74 -14.82 -3.45 3.97
CA ALA A 74 -13.50 -3.86 3.48
C ALA A 74 -13.42 -5.38 3.24
N VAL A 75 -12.83 -5.78 2.11
CA VAL A 75 -12.51 -7.20 1.84
C VAL A 75 -11.06 -7.28 1.35
N PRO A 76 -10.21 -8.11 1.97
CA PRO A 76 -10.51 -9.03 3.06
C PRO A 76 -10.71 -8.34 4.41
N ALA A 77 -11.44 -9.03 5.28
CA ALA A 77 -11.62 -8.64 6.69
C ALA A 77 -11.42 -9.91 7.51
N LEU A 78 -10.61 -9.80 8.56
CA LEU A 78 -10.22 -10.95 9.37
CA LEU A 78 -10.23 -10.95 9.37
C LEU A 78 -10.68 -10.74 10.81
N PHE A 79 -11.36 -11.74 11.36
CA PHE A 79 -11.77 -11.73 12.76
C PHE A 79 -10.92 -12.74 13.49
N ASP A 80 -10.18 -12.27 14.50
CA ASP A 80 -9.32 -13.15 15.28
C ASP A 80 -9.88 -13.19 16.69
N GLY A 81 -10.82 -14.09 16.93
CA GLY A 81 -11.45 -14.20 18.23
C GLY A 81 -12.19 -12.96 18.60
N ASP A 82 -11.98 -12.48 19.83
CA ASP A 82 -12.64 -11.26 20.28
C ASP A 82 -11.85 -10.03 19.85
N GLY A 83 -12.55 -9.11 19.18
CA GLY A 83 -11.97 -7.82 18.82
C GLY A 83 -12.57 -7.32 17.52
N PRO A 84 -12.30 -6.06 17.16
CA PRO A 84 -12.80 -5.61 15.88
C PRO A 84 -12.06 -6.35 14.75
N PRO A 85 -12.65 -6.36 13.56
CA PRO A 85 -11.97 -7.03 12.45
C PRO A 85 -10.71 -6.31 12.03
N LEU A 86 -9.77 -7.07 11.50
CA LEU A 86 -8.54 -6.54 10.95
C LEU A 86 -8.68 -6.42 9.43
N THR A 87 -8.27 -5.30 8.88
CA THR A 87 -8.34 -5.06 7.45
C THR A 87 -6.99 -4.59 6.91
N GLN A 88 -6.91 -4.57 5.59
CA GLN A 88 -5.72 -4.17 4.82
C GLN A 88 -4.68 -5.29 4.84
N SER A 89 -4.39 -5.84 3.66
CA SER A 89 -3.64 -7.07 3.58
C SER A 89 -2.25 -6.98 4.19
N LEU A 90 -1.50 -5.90 3.93
CA LEU A 90 -0.16 -5.79 4.53
C LEU A 90 -0.24 -5.71 6.06
N ALA A 91 -1.17 -4.91 6.57
CA ALA A 91 -1.35 -4.82 8.03
C ALA A 91 -1.69 -6.19 8.64
N ILE A 92 -2.52 -6.96 7.95
CA ILE A 92 -2.91 -8.29 8.40
C ILE A 92 -1.69 -9.20 8.38
N LEU A 93 -0.88 -9.15 7.33
CA LEU A 93 0.33 -10.00 7.26
C LEU A 93 1.25 -9.74 8.46
N ASP A 94 1.46 -8.48 8.77
CA ASP A 94 2.27 -8.13 9.96
C ASP A 94 1.61 -8.56 11.28
N TYR A 95 0.29 -8.45 11.36
CA TYR A 95 -0.45 -8.93 12.53
C TYR A 95 -0.23 -10.44 12.76
N LEU A 96 -0.29 -11.22 11.68
CA LEU A 96 -0.01 -12.63 11.76
C LEU A 96 1.43 -12.91 12.12
N GLU A 97 2.34 -12.07 11.64
CA GLU A 97 3.75 -12.23 11.96
C GLU A 97 4.02 -11.99 13.45
N GLU A 98 3.32 -11.03 14.02
CA GLU A 98 3.52 -10.65 15.41
C GLU A 98 2.75 -11.54 16.40
N THR A 99 1.66 -12.18 15.96
CA THR A 99 0.84 -12.99 16.88
C THR A 99 1.08 -14.49 16.70
N ARG A 100 1.55 -14.94 15.54
CA ARG A 100 1.91 -16.35 15.30
C ARG A 100 3.32 -16.46 14.72
N THR A 101 4.31 -16.60 15.60
CA THR A 101 5.71 -16.48 15.17
C THR A 101 6.41 -17.75 14.63
N GLY A 102 5.74 -18.91 14.69
CA GLY A 102 6.37 -20.20 14.32
C GLY A 102 7.03 -20.34 12.95
N VAL A 103 6.38 -19.81 11.93
CA VAL A 103 6.89 -19.83 10.55
C VAL A 103 7.01 -18.37 10.13
N PRO A 104 8.17 -17.75 10.33
CA PRO A 104 8.28 -16.33 10.02
C PRO A 104 8.28 -16.07 8.52
N LEU A 105 7.55 -15.04 8.12
CA LEU A 105 7.46 -14.62 6.72
C LEU A 105 8.17 -13.26 6.52
N LEU A 106 9.02 -12.88 7.47
CA LEU A 106 9.98 -11.82 7.25
C LEU A 106 11.32 -12.26 7.82
N PRO A 107 12.43 -11.81 7.20
CA PRO A 107 13.74 -12.09 7.79
C PRO A 107 13.95 -11.27 9.06
N GLU A 108 15.05 -11.52 9.76
CA GLU A 108 15.34 -10.84 11.03
C GLU A 108 16.08 -9.51 10.85
N GLU A 109 16.97 -9.46 9.89
CA GLU A 109 17.85 -8.31 9.77
C GLU A 109 17.08 -7.13 9.15
N PRO A 110 17.18 -5.94 9.78
CA PRO A 110 16.33 -4.83 9.36
C PRO A 110 16.45 -4.37 7.88
N ARG A 111 17.65 -4.33 7.32
CA ARG A 111 17.75 -3.95 5.92
C ARG A 111 17.09 -4.97 5.00
N ALA A 112 17.26 -6.24 5.31
CA ALA A 112 16.61 -7.32 4.56
C ALA A 112 15.07 -7.26 4.66
N ARG A 113 14.55 -6.95 5.86
CA ARG A 113 13.13 -6.74 6.08
C ARG A 113 12.60 -5.58 5.26
N ALA A 114 13.36 -4.48 5.24
CA ALA A 114 12.95 -3.29 4.51
C ALA A 114 12.91 -3.58 3.02
N ARG A 115 13.89 -4.35 2.53
CA ARG A 115 13.92 -4.69 1.11
C ARG A 115 12.72 -5.57 0.75
N ALA A 116 12.45 -6.58 1.58
CA ALA A 116 11.31 -7.46 1.35
C ALA A 116 10.02 -6.69 1.34
N ARG A 117 9.85 -5.78 2.29
CA ARG A 117 8.67 -4.94 2.35
C ARG A 117 8.59 -3.99 1.17
N SER A 118 9.74 -3.46 0.73
CA SER A 118 9.75 -2.56 -0.42
C SER A 118 9.24 -3.29 -1.68
N LEU A 119 9.76 -4.48 -1.90
CA LEU A 119 9.31 -5.32 -3.03
C LEU A 119 7.82 -5.65 -2.90
N ALA A 120 7.36 -5.96 -1.68
CA ALA A 120 5.95 -6.25 -1.47
C ALA A 120 5.12 -5.04 -1.85
N GLN A 121 5.63 -3.86 -1.53
CA GLN A 121 4.87 -2.63 -1.70
C GLN A 121 4.89 -2.10 -3.14
N VAL A 122 5.91 -2.46 -3.92
CA VAL A 122 5.84 -2.27 -5.36
C VAL A 122 4.50 -2.82 -5.86
N VAL A 123 4.14 -4.00 -5.39
CA VAL A 123 2.86 -4.61 -5.75
C VAL A 123 1.70 -3.99 -4.97
N ALA A 124 1.79 -4.04 -3.65
CA ALA A 124 0.62 -3.73 -2.82
C ALA A 124 0.27 -2.25 -2.75
N CYS A 125 1.24 -1.36 -2.98
CA CYS A 125 0.99 0.07 -3.04
C CYS A 125 0.98 0.59 -4.48
N ASP A 126 2.03 0.33 -5.24
CA ASP A 126 2.15 1.02 -6.52
C ASP A 126 1.31 0.38 -7.63
N THR A 127 1.02 -0.91 -7.55
CA THR A 127 0.48 -1.64 -8.68
C THR A 127 -0.97 -2.07 -8.46
N HIS A 128 -1.19 -2.94 -7.50
CA HIS A 128 -2.50 -3.52 -7.26
C HIS A 128 -3.67 -2.53 -7.06
N PRO A 129 -3.47 -1.44 -6.31
CA PRO A 129 -4.59 -0.49 -6.12
C PRO A 129 -5.09 0.15 -7.42
N LEU A 130 -4.31 0.06 -8.48
CA LEU A 130 -4.68 0.64 -9.77
C LEU A 130 -5.59 -0.27 -10.58
N TYR A 131 -5.73 -1.53 -10.17
CA TYR A 131 -6.56 -2.47 -10.95
C TYR A 131 -7.70 -3.15 -10.19
N VAL A 132 -7.98 -2.69 -8.97
CA VAL A 132 -9.10 -3.19 -8.20
C VAL A 132 -10.45 -2.87 -8.87
N PRO A 133 -11.49 -3.65 -8.55
CA PRO A 133 -12.77 -3.47 -9.25
C PRO A 133 -13.33 -2.04 -9.20
N ARG A 134 -13.13 -1.33 -8.09
CA ARG A 134 -13.66 0.02 -7.96
C ARG A 134 -13.06 0.96 -9.01
N VAL A 135 -11.79 0.77 -9.33
CA VAL A 135 -11.12 1.59 -10.34
C VAL A 135 -11.60 1.22 -11.75
N ARG A 136 -11.72 -0.08 -12.00
CA ARG A 136 -12.20 -0.56 -13.29
C ARG A 136 -13.59 -0.01 -13.61
N THR A 137 -14.47 -0.01 -12.62
CA THR A 137 -15.81 0.49 -12.81
C THR A 137 -15.83 2.01 -12.92
N PHE A 138 -14.99 2.70 -12.15
CA PHE A 138 -14.96 4.15 -12.24
C PHE A 138 -14.50 4.65 -13.61
N LEU A 139 -13.47 4.04 -14.17
CA LEU A 139 -12.99 4.43 -15.50
C LEU A 139 -14.10 4.31 -16.58
N MET A 140 -14.87 3.22 -16.50
CA MET A 140 -16.00 3.04 -17.42
C MET A 140 -17.15 4.02 -17.15
N GLU A 141 -17.56 4.12 -15.89
CA GLU A 141 -18.72 4.91 -15.58
C GLU A 141 -18.43 6.39 -15.64
N ASN A 142 -17.25 6.80 -15.18
CA ASN A 142 -16.96 8.24 -15.11
C ASN A 142 -16.55 8.84 -16.45
N TYR A 143 -15.85 8.08 -17.28
CA TYR A 143 -15.39 8.59 -18.55
C TYR A 143 -16.13 8.01 -19.75
N GLY A 144 -17.02 7.04 -19.54
CA GLY A 144 -17.69 6.37 -20.66
C GLY A 144 -16.75 5.52 -21.50
N LEU A 145 -15.65 5.06 -20.91
CA LEU A 145 -14.69 4.24 -21.60
C LEU A 145 -15.30 2.85 -21.68
N PRO A 146 -15.19 2.19 -22.83
CA PRO A 146 -15.54 0.77 -22.88
C PRO A 146 -14.54 -0.06 -22.11
N ARG A 147 -14.97 -1.25 -21.71
CA ARG A 147 -14.08 -2.19 -21.02
C ARG A 147 -12.72 -2.35 -21.72
N GLU A 148 -12.73 -2.41 -23.05
CA GLU A 148 -11.51 -2.64 -23.80
C GLU A 148 -10.47 -1.54 -23.56
N ARG A 149 -10.95 -0.31 -23.42
CA ARG A 149 -10.07 0.82 -23.22
C ARG A 149 -9.71 0.99 -21.74
N MET A 150 -10.66 0.74 -20.84
CA MET A 150 -10.36 0.69 -19.40
C MET A 150 -9.20 -0.27 -19.12
N LEU A 151 -9.18 -1.40 -19.80
CA LEU A 151 -8.17 -2.41 -19.55
C LEU A 151 -6.76 -1.95 -19.87
N GLU A 152 -6.63 -0.91 -20.71
CA GLU A 152 -5.34 -0.31 -20.97
C GLU A 152 -4.71 0.24 -19.68
N PHE A 153 -5.54 0.78 -18.80
CA PHE A 153 -5.08 1.27 -17.49
C PHE A 153 -4.58 0.09 -16.64
N LEU A 154 -5.36 -0.98 -16.60
CA LEU A 154 -4.99 -2.17 -15.83
C LEU A 154 -3.73 -2.80 -16.36
N ARG A 155 -3.62 -2.92 -17.68
CA ARG A 155 -2.45 -3.52 -18.28
C ARG A 155 -1.21 -2.70 -18.02
N ASN A 156 -1.36 -1.38 -18.12
CA ASN A 156 -0.23 -0.50 -17.83
C ASN A 156 0.25 -0.64 -16.38
N ALA A 157 -0.68 -0.76 -15.44
CA ALA A 157 -0.31 -0.98 -14.03
C ALA A 157 0.49 -2.28 -13.87
N PHE A 158 -0.01 -3.38 -14.44
CA PHE A 158 0.69 -4.64 -14.39
C PHE A 158 2.08 -4.58 -14.98
N ILE A 159 2.17 -4.01 -16.16
CA ILE A 159 3.42 -4.00 -16.89
C ILE A 159 4.45 -3.14 -16.17
N THR A 160 4.01 -2.00 -15.70
CA THR A 160 4.90 -1.08 -14.97
CA THR A 160 4.96 -1.11 -15.01
C THR A 160 5.45 -1.78 -13.73
N GLY A 161 4.57 -2.45 -13.00
CA GLY A 161 4.97 -3.19 -11.81
C GLY A 161 5.89 -4.35 -12.10
N LEU A 162 5.53 -5.14 -13.12
CA LEU A 162 6.33 -6.28 -13.52
C LEU A 162 7.73 -5.88 -13.99
N LYS A 163 7.82 -4.78 -14.72
CA LYS A 163 9.12 -4.26 -15.17
C LYS A 163 10.03 -3.88 -13.98
N THR A 164 9.45 -3.16 -13.02
CA THR A 164 10.16 -2.80 -11.79
C THR A 164 10.65 -4.03 -11.05
N LEU A 165 9.74 -5.00 -10.84
CA LEU A 165 10.12 -6.20 -10.11
C LEU A 165 11.20 -6.99 -10.84
N GLU A 166 11.06 -7.14 -12.16
CA GLU A 166 12.07 -7.88 -12.92
C GLU A 166 13.44 -7.22 -12.77
N THR A 167 13.50 -5.90 -12.93
CA THR A 167 14.77 -5.20 -12.82
C THR A 167 15.36 -5.38 -11.42
N ARG A 168 14.53 -5.21 -10.39
CA ARG A 168 15.03 -5.24 -9.04
C ARG A 168 15.48 -6.62 -8.66
N LEU A 169 14.67 -7.62 -8.99
CA LEU A 169 14.95 -8.97 -8.57
C LEU A 169 16.18 -9.49 -9.33
N SER A 170 16.33 -9.08 -10.59
CA SER A 170 17.42 -9.57 -11.43
C SER A 170 18.76 -8.97 -11.07
N ASN A 171 18.77 -7.72 -10.66
CA ASN A 171 20.01 -6.98 -10.47
C ASN A 171 20.45 -6.81 -9.02
N GLU A 172 19.54 -6.90 -8.05
CA GLU A 172 19.91 -6.66 -6.66
C GLU A 172 20.45 -7.90 -6.00
N ALA A 173 21.44 -7.69 -5.12
CA ALA A 173 22.14 -8.80 -4.46
C ALA A 173 21.25 -9.61 -3.53
N GLY A 174 20.20 -9.01 -2.97
CA GLY A 174 19.36 -9.70 -1.99
C GLY A 174 18.55 -10.90 -2.49
N THR A 175 18.25 -10.97 -3.78
CA THR A 175 17.40 -12.02 -4.31
C THR A 175 18.10 -13.35 -4.22
N GLY A 176 17.38 -14.40 -3.85
CA GLY A 176 17.93 -15.76 -3.83
C GLY A 176 16.97 -16.69 -4.55
N ARG A 177 16.66 -17.80 -3.89
CA ARG A 177 15.62 -18.68 -4.36
C ARG A 177 14.29 -17.95 -4.39
N PHE A 178 14.08 -17.06 -3.41
CA PHE A 178 12.88 -16.24 -3.31
C PHE A 178 13.24 -14.76 -3.45
N CYS A 179 12.27 -13.86 -3.32
CA CYS A 179 12.51 -12.44 -3.55
C CYS A 179 13.63 -11.88 -2.65
N GLN A 180 13.60 -12.29 -1.39
CA GLN A 180 14.61 -11.92 -0.43
C GLN A 180 15.23 -13.20 0.12
N GLY A 181 16.46 -13.47 -0.31
CA GLY A 181 17.19 -14.64 0.16
C GLY A 181 16.53 -15.95 -0.25
N ASP A 182 16.62 -16.94 0.63
CA ASP A 182 16.14 -18.30 0.35
C ASP A 182 14.95 -18.70 1.22
N ALA A 183 14.27 -17.69 1.78
CA ALA A 183 13.11 -17.93 2.64
C ALA A 183 11.97 -17.11 2.11
N VAL A 184 10.78 -17.70 2.07
CA VAL A 184 9.57 -17.04 1.62
C VAL A 184 9.29 -15.88 2.57
N SER A 185 8.88 -14.77 1.98
CA SER A 185 8.57 -13.56 2.72
C SER A 185 7.32 -12.89 2.19
N HIS A 186 6.90 -11.82 2.86
CA HIS A 186 5.81 -10.98 2.35
C HIS A 186 6.00 -10.57 0.90
N ALA A 187 7.24 -10.38 0.47
CA ALA A 187 7.49 -10.00 -0.92
C ALA A 187 6.93 -11.05 -1.89
N ASP A 188 7.17 -12.32 -1.56
CA ASP A 188 6.73 -13.45 -2.40
C ASP A 188 5.22 -13.61 -2.40
N LEU A 189 4.59 -13.40 -1.25
CA LEU A 189 3.12 -13.44 -1.19
C LEU A 189 2.52 -12.35 -2.08
N CYS A 190 3.10 -11.16 -2.05
CA CYS A 190 2.61 -10.10 -2.94
C CYS A 190 2.95 -10.42 -4.40
N LEU A 191 4.16 -10.92 -4.64
CA LEU A 191 4.59 -11.26 -6.01
C LEU A 191 3.67 -12.27 -6.65
N ILE A 192 3.39 -13.37 -5.95
CA ILE A 192 2.53 -14.41 -6.50
C ILE A 192 1.11 -13.88 -6.69
N SER A 193 0.64 -12.98 -5.84
CA SER A 193 -0.69 -12.42 -6.01
C SER A 193 -0.80 -11.59 -7.30
N LEU A 194 0.28 -10.92 -7.68
CA LEU A 194 0.34 -10.22 -8.97
C LEU A 194 0.45 -11.24 -10.12
N TRP A 195 1.32 -12.24 -9.94
CA TRP A 195 1.56 -13.25 -10.98
C TRP A 195 0.29 -13.96 -11.41
N VAL A 196 -0.51 -14.40 -10.44
CA VAL A 196 -1.77 -15.06 -10.76
CA VAL A 196 -1.78 -15.08 -10.79
C VAL A 196 -2.72 -14.12 -11.53
N GLY A 197 -2.61 -12.83 -11.23
CA GLY A 197 -3.38 -11.84 -11.97
C GLY A 197 -2.97 -11.76 -13.44
N THR A 198 -1.71 -12.04 -13.77
CA THR A 198 -1.30 -12.03 -15.19
C THR A 198 -2.07 -13.12 -15.94
N GLY A 199 -2.33 -14.23 -15.28
CA GLY A 199 -3.19 -15.28 -15.85
C GLY A 199 -4.64 -14.84 -15.96
N ILE A 200 -5.20 -14.35 -14.85
CA ILE A 200 -6.60 -13.95 -14.80
C ILE A 200 -6.91 -12.84 -15.81
N PHE A 201 -6.02 -11.87 -15.93
CA PHE A 201 -6.27 -10.69 -16.77
C PHE A 201 -5.54 -10.71 -18.11
N GLY A 202 -4.78 -11.76 -18.40
CA GLY A 202 -4.18 -11.92 -19.71
C GLY A 202 -3.06 -10.95 -20.02
N ILE A 203 -2.05 -10.90 -19.15
CA ILE A 203 -0.88 -10.07 -19.36
C ILE A 203 0.25 -10.97 -19.83
N ASP A 204 0.95 -10.58 -20.88
CA ASP A 204 2.09 -11.37 -21.34
C ASP A 204 3.24 -11.24 -20.36
N THR A 205 3.87 -12.36 -20.00
CA THR A 205 4.94 -12.33 -19.02
C THR A 205 6.31 -12.77 -19.54
N ALA A 206 6.45 -12.90 -20.86
CA ALA A 206 7.72 -13.36 -21.42
C ALA A 206 8.91 -12.49 -21.00
N ALA A 207 8.66 -11.19 -20.83
CA ALA A 207 9.74 -10.27 -20.53
C ALA A 207 10.21 -10.32 -19.05
N TYR A 208 9.61 -11.18 -18.23
CA TYR A 208 9.94 -11.16 -16.78
C TYR A 208 10.36 -12.54 -16.29
N PRO A 209 11.52 -13.04 -16.77
CA PRO A 209 11.90 -14.41 -16.45
C PRO A 209 12.27 -14.65 -15.00
N THR A 210 12.85 -13.66 -14.34
CA THR A 210 13.16 -13.77 -12.91
C THR A 210 11.87 -13.81 -12.09
N VAL A 211 10.93 -12.95 -12.42
CA VAL A 211 9.61 -12.98 -11.78
C VAL A 211 8.97 -14.34 -11.96
N LYS A 212 9.04 -14.87 -13.18
CA LYS A 212 8.51 -16.20 -13.47
C LYS A 212 9.15 -17.27 -12.59
N ARG A 213 10.48 -17.29 -12.51
CA ARG A 213 11.21 -18.32 -11.78
C ARG A 213 10.77 -18.31 -10.32
N ILE A 214 10.76 -17.14 -9.72
CA ILE A 214 10.37 -17.05 -8.31
C ILE A 214 8.90 -17.38 -8.12
N SER A 215 8.04 -16.95 -9.03
CA SER A 215 6.60 -17.18 -8.86
C SER A 215 6.31 -18.67 -8.93
N GLU A 216 7.00 -19.39 -9.81
CA GLU A 216 6.81 -20.83 -9.92
C GLU A 216 7.36 -21.57 -8.70
N GLU A 217 8.46 -21.08 -8.16
CA GLU A 217 9.00 -21.60 -6.92
C GLU A 217 7.99 -21.44 -5.76
N VAL A 218 7.35 -20.29 -5.69
CA VAL A 218 6.33 -20.02 -4.67
C VAL A 218 5.08 -20.89 -4.90
N LEU A 219 4.66 -20.99 -6.16
CA LEU A 219 3.44 -21.72 -6.51
C LEU A 219 3.58 -23.24 -6.28
N ALA A 220 4.81 -23.73 -6.25
CA ALA A 220 5.06 -25.14 -5.99
C ALA A 220 4.76 -25.57 -4.54
N LEU A 221 4.57 -24.60 -3.64
CA LEU A 221 4.24 -24.85 -2.23
C LEU A 221 2.76 -25.14 -2.07
N ASP A 222 2.46 -26.23 -1.35
CA ASP A 222 1.10 -26.59 -0.98
C ASP A 222 0.30 -25.40 -0.41
N ALA A 223 0.90 -24.72 0.55
CA ALA A 223 0.20 -23.62 1.25
C ALA A 223 -0.24 -22.55 0.27
N VAL A 224 0.54 -22.35 -0.79
CA VAL A 224 0.24 -21.30 -1.77
C VAL A 224 -0.77 -21.82 -2.78
N ALA A 225 -0.49 -23.01 -3.32
CA ALA A 225 -1.41 -23.63 -4.29
C ALA A 225 -2.82 -23.81 -3.74
N ARG A 226 -2.95 -24.27 -2.49
CA ARG A 226 -4.27 -24.44 -1.90
C ARG A 226 -5.05 -23.14 -1.84
N ALA A 227 -4.32 -22.02 -1.71
CA ALA A 227 -4.92 -20.68 -1.61
C ALA A 227 -5.23 -20.01 -2.95
N HIS A 228 -4.82 -20.64 -4.06
CA HIS A 228 -4.91 -20.05 -5.39
C HIS A 228 -6.36 -19.64 -5.70
N PRO A 229 -6.55 -18.44 -6.25
CA PRO A 229 -7.91 -18.01 -6.67
C PRO A 229 -8.75 -19.06 -7.41
N LEU A 230 -8.14 -19.76 -8.33
CA LEU A 230 -8.85 -20.75 -9.15
C LEU A 230 -9.30 -22.00 -8.38
N ARG A 231 -8.81 -22.15 -7.16
CA ARG A 231 -9.25 -23.24 -6.29
C ARG A 231 -10.24 -22.79 -5.22
N GLN A 232 -10.78 -21.58 -5.37
CA GLN A 232 -11.75 -21.07 -4.40
C GLN A 232 -13.17 -21.06 -4.98
N PRO A 233 -14.20 -21.06 -4.11
CA PRO A 233 -15.59 -21.00 -4.59
C PRO A 233 -15.88 -19.74 -5.39
N GLY A 234 -16.56 -19.89 -6.53
CA GLY A 234 -16.86 -18.77 -7.43
C GLY A 234 -15.91 -18.62 -8.60
N ALA A 235 -14.82 -19.37 -8.59
CA ALA A 235 -13.85 -19.29 -9.65
C ALA A 235 -14.42 -19.90 -10.93
N PRO A 236 -13.96 -19.41 -12.08
CA PRO A 236 -14.18 -20.06 -13.36
C PRO A 236 -13.33 -21.32 -13.43
N ALA A 237 -13.57 -22.10 -14.48
CA ALA A 237 -12.87 -23.36 -14.69
C ALA A 237 -11.38 -23.21 -15.00
N SER A 238 -11.01 -22.13 -15.67
CA SER A 238 -9.64 -21.99 -16.15
C SER A 238 -9.35 -20.55 -16.62
N MET B 23 25.06 9.74 8.08
CA MET B 23 23.88 10.64 7.86
C MET B 23 22.89 10.03 6.86
N VAL B 24 21.64 10.44 6.96
CA VAL B 24 20.58 9.96 6.07
C VAL B 24 20.40 10.93 4.91
N LYS B 25 20.21 10.40 3.71
CA LYS B 25 20.03 11.21 2.52
C LYS B 25 18.81 10.76 1.76
N MET B 26 17.88 11.67 1.54
CA MET B 26 16.63 11.35 0.89
C MET B 26 16.50 12.13 -0.39
N TYR B 27 16.23 11.42 -1.49
CA TYR B 27 15.81 12.05 -2.73
C TYR B 27 14.32 12.26 -2.63
N GLY B 28 13.94 13.52 -2.65
CA GLY B 28 12.59 13.94 -2.34
C GLY B 28 12.02 14.93 -3.33
N ASN B 29 10.96 15.60 -2.89
CA ASN B 29 10.23 16.56 -3.70
C ASN B 29 9.29 17.30 -2.77
N TRP B 30 9.03 18.58 -3.04
CA TRP B 30 8.25 19.36 -2.10
C TRP B 30 6.81 18.85 -1.97
N ARG B 31 6.19 18.42 -3.06
CA ARG B 31 4.76 18.14 -3.05
C ARG B 31 4.47 16.68 -2.66
N SER B 32 5.44 15.80 -2.88
CA SER B 32 5.27 14.37 -2.62
C SER B 32 4.73 14.04 -1.24
N ALA B 33 3.55 13.40 -1.19
CA ALA B 33 3.00 12.86 0.06
C ALA B 33 3.86 11.78 0.69
N ALA B 34 4.41 10.89 -0.14
CA ALA B 34 5.27 9.82 0.36
C ALA B 34 6.56 10.39 1.01
N ALA B 35 7.14 11.39 0.37
CA ALA B 35 8.33 12.06 0.93
C ALA B 35 7.99 12.76 2.24
N PHE B 36 6.80 13.37 2.31
CA PHE B 36 6.31 14.07 3.48
C PHE B 36 6.20 13.11 4.66
N ARG B 37 5.68 11.90 4.42
CA ARG B 37 5.55 10.89 5.48
C ARG B 37 6.89 10.60 6.13
N VAL B 38 7.90 10.39 5.29
CA VAL B 38 9.24 10.06 5.73
C VAL B 38 9.87 11.25 6.46
N ARG B 39 9.66 12.44 5.91
CA ARG B 39 10.24 13.68 6.46
C ARG B 39 9.75 13.91 7.87
N ILE B 40 8.45 13.69 8.08
CA ILE B 40 7.84 13.79 9.41
C ILE B 40 8.52 12.85 10.40
N ALA B 41 8.71 11.60 10.00
CA ALA B 41 9.31 10.61 10.88
C ALA B 41 10.75 10.98 11.27
N LEU B 42 11.52 11.44 10.29
CA LEU B 42 12.89 11.88 10.53
C LEU B 42 12.91 12.98 11.59
N ASN B 43 12.05 13.98 11.44
CA ASN B 43 11.99 15.08 12.40
C ASN B 43 11.52 14.60 13.76
N LEU B 44 10.44 13.81 13.80
CA LEU B 44 9.92 13.33 15.08
C LEU B 44 10.93 12.51 15.85
N LYS B 45 11.73 11.73 15.16
CA LYS B 45 12.65 10.82 15.81
C LYS B 45 14.03 11.44 16.04
N GLY B 46 14.24 12.69 15.65
CA GLY B 46 15.53 13.33 15.83
C GLY B 46 16.62 12.75 14.96
N ILE B 47 16.28 12.45 13.71
CA ILE B 47 17.23 11.94 12.72
C ILE B 47 17.52 13.04 11.72
N ALA B 48 18.79 13.43 11.65
CA ALA B 48 19.22 14.43 10.71
C ALA B 48 19.24 13.86 9.29
N TYR B 49 18.90 14.69 8.32
CA TYR B 49 18.88 14.26 6.94
C TYR B 49 19.23 15.39 5.99
N GLU B 50 19.77 15.00 4.85
CA GLU B 50 19.89 15.84 3.67
C GLU B 50 18.78 15.43 2.74
N GLU B 51 18.02 16.39 2.21
CA GLU B 51 17.06 16.10 1.16
C GLU B 51 17.50 16.70 -0.18
N VAL B 52 17.50 15.89 -1.22
CA VAL B 52 17.71 16.37 -2.57
C VAL B 52 16.35 16.50 -3.22
N PHE B 53 15.98 17.73 -3.58
CA PHE B 53 14.67 18.01 -4.14
C PHE B 53 14.65 17.86 -5.65
N LEU B 54 13.99 16.82 -6.14
CA LEU B 54 13.82 16.63 -7.56
C LEU B 54 12.68 17.48 -8.09
N ASP B 55 12.84 17.96 -9.32
CA ASP B 55 11.80 18.68 -10.03
C ASP B 55 11.14 17.66 -10.94
N LEU B 56 9.95 17.22 -10.56
CA LEU B 56 9.24 16.19 -11.28
C LEU B 56 8.52 16.74 -12.53
N ASP B 57 8.20 18.04 -12.52
CA ASP B 57 7.73 18.70 -13.74
C ASP B 57 8.82 18.71 -14.79
N ALA B 58 10.07 18.94 -14.36
CA ALA B 58 11.22 19.01 -15.24
C ALA B 58 11.78 17.64 -15.67
N GLY B 59 11.22 16.55 -15.13
CA GLY B 59 11.63 15.20 -15.52
C GLY B 59 12.91 14.69 -14.87
N ASP B 60 13.28 15.22 -13.70
CA ASP B 60 14.49 14.76 -12.97
C ASP B 60 14.41 13.29 -12.57
N GLN B 61 13.21 12.83 -12.22
CA GLN B 61 12.95 11.43 -11.90
C GLN B 61 13.24 10.46 -13.06
N HIS B 62 13.26 10.97 -14.28
CA HIS B 62 13.46 10.16 -15.49
C HIS B 62 14.90 10.11 -16.00
N LYS B 63 15.80 10.87 -15.38
CA LYS B 63 17.23 10.79 -15.76
C LYS B 63 17.81 9.42 -15.39
N PRO B 64 18.87 8.99 -16.10
CA PRO B 64 19.43 7.65 -15.81
C PRO B 64 19.94 7.50 -14.38
N ASP B 65 20.74 8.47 -13.94
CA ASP B 65 21.30 8.51 -12.58
C ASP B 65 20.27 8.13 -11.51
N PHE B 66 19.08 8.71 -11.63
CA PHE B 66 18.02 8.47 -10.67
C PHE B 66 17.32 7.12 -10.90
N LEU B 67 17.04 6.76 -12.15
CA LEU B 67 16.44 5.43 -12.44
C LEU B 67 17.35 4.30 -11.93
N ALA B 68 18.66 4.57 -11.95
CA ALA B 68 19.66 3.73 -11.29
C ALA B 68 19.36 3.59 -9.81
N ILE B 69 19.01 4.71 -9.18
CA ILE B 69 18.67 4.73 -7.76
C ILE B 69 17.29 4.12 -7.55
N ASN B 70 16.30 4.65 -8.24
CA ASN B 70 14.94 4.11 -8.19
C ASN B 70 14.41 3.83 -9.62
N PRO B 71 14.50 2.56 -10.09
CA PRO B 71 13.89 2.15 -11.36
C PRO B 71 12.44 2.59 -11.54
N GLN B 72 11.70 2.79 -10.45
CA GLN B 72 10.31 3.24 -10.53
C GLN B 72 10.17 4.70 -10.98
N GLY B 73 11.26 5.47 -10.96
CA GLY B 73 11.20 6.88 -11.34
C GLY B 73 10.33 7.66 -10.37
N ALA B 74 10.55 7.42 -9.07
CA ALA B 74 9.75 8.06 -8.05
C ALA B 74 10.50 8.29 -6.73
N VAL B 75 9.91 9.20 -5.99
CA VAL B 75 10.40 9.69 -4.76
C VAL B 75 9.45 9.09 -3.72
N PRO B 76 9.93 8.84 -2.50
CA PRO B 76 11.29 9.06 -2.04
C PRO B 76 12.20 7.86 -2.24
N ALA B 77 13.49 8.12 -2.22
CA ALA B 77 14.50 7.09 -2.07
C ALA B 77 15.40 7.54 -0.93
N LEU B 78 15.71 6.62 -0.01
CA LEU B 78 16.51 6.96 1.16
C LEU B 78 17.79 6.14 1.20
N PHE B 79 18.91 6.84 1.39
CA PHE B 79 20.22 6.22 1.62
C PHE B 79 20.55 6.36 3.09
N ASP B 80 20.86 5.24 3.71
CA ASP B 80 21.26 5.21 5.10
C ASP B 80 22.67 4.65 5.11
N GLY B 81 23.65 5.55 5.10
CA GLY B 81 25.04 5.16 4.98
C GLY B 81 25.31 4.46 3.66
N ASP B 82 26.16 3.45 3.71
CA ASP B 82 26.44 2.61 2.55
C ASP B 82 25.24 1.75 2.23
N GLY B 83 25.37 0.92 1.21
CA GLY B 83 24.33 -0.04 0.89
C GLY B 83 23.29 0.57 -0.02
N PRO B 84 22.40 -0.28 -0.53
CA PRO B 84 21.46 0.20 -1.54
C PRO B 84 20.41 1.14 -0.95
N PRO B 85 19.79 1.96 -1.81
CA PRO B 85 18.75 2.87 -1.35
C PRO B 85 17.48 2.11 -0.98
N LEU B 86 16.71 2.68 -0.05
CA LEU B 86 15.44 2.13 0.35
C LEU B 86 14.33 2.94 -0.28
N THR B 87 13.33 2.26 -0.82
CA THR B 87 12.16 2.88 -1.42
C THR B 87 10.92 2.32 -0.75
N GLN B 88 9.80 2.96 -1.06
CA GLN B 88 8.47 2.69 -0.53
C GLN B 88 8.31 3.26 0.89
N SER B 89 7.47 4.28 1.02
CA SER B 89 7.39 5.04 2.26
C SER B 89 7.06 4.19 3.48
N LEU B 90 6.13 3.23 3.35
CA LEU B 90 5.78 2.38 4.49
C LEU B 90 6.98 1.53 4.94
N ALA B 91 7.64 0.89 3.99
CA ALA B 91 8.86 0.12 4.28
C ALA B 91 9.93 0.98 4.97
N ILE B 92 10.09 2.21 4.49
CA ILE B 92 11.08 3.15 5.06
C ILE B 92 10.68 3.52 6.49
N LEU B 93 9.40 3.80 6.72
CA LEU B 93 8.94 4.13 8.07
C LEU B 93 9.24 3.00 9.04
N ASP B 94 8.98 1.76 8.64
CA ASP B 94 9.29 0.63 9.49
C ASP B 94 10.80 0.44 9.67
N TYR B 95 11.58 0.71 8.65
CA TYR B 95 13.04 0.67 8.75
C TYR B 95 13.57 1.67 9.79
N LEU B 96 13.03 2.87 9.76
CA LEU B 96 13.42 3.90 10.70
C LEU B 96 13.01 3.51 12.11
N GLU B 97 11.83 2.91 12.23
CA GLU B 97 11.38 2.39 13.51
C GLU B 97 12.35 1.35 14.06
N GLU B 98 12.83 0.49 13.19
CA GLU B 98 13.58 -0.68 13.62
C GLU B 98 15.07 -0.43 13.80
N THR B 99 15.63 0.61 13.20
CA THR B 99 17.08 0.81 13.24
C THR B 99 17.49 2.05 14.01
N ARG B 100 16.55 2.86 14.43
CA ARG B 100 16.87 4.11 15.10
C ARG B 100 16.18 4.18 16.44
N THR B 101 16.65 5.05 17.31
CA THR B 101 15.94 5.31 18.58
C THR B 101 14.98 6.44 18.26
N GLY B 102 14.51 7.15 19.26
CA GLY B 102 13.51 8.20 19.03
C GLY B 102 12.10 7.69 19.32
N VAL B 103 11.16 8.62 19.37
CA VAL B 103 9.81 8.33 19.83
C VAL B 103 9.20 7.21 18.98
N PRO B 104 8.56 6.22 19.62
CA PRO B 104 7.87 5.20 18.84
C PRO B 104 6.77 5.81 17.99
N LEU B 105 6.60 5.29 16.77
CA LEU B 105 5.49 5.69 15.94
C LEU B 105 4.56 4.50 15.67
N LEU B 106 4.74 3.42 16.43
CA LEU B 106 3.76 2.35 16.52
C LEU B 106 3.57 1.93 17.98
N PRO B 107 2.36 1.55 18.34
CA PRO B 107 2.15 1.02 19.69
C PRO B 107 2.79 -0.35 19.89
N GLU B 108 2.69 -0.85 21.12
CA GLU B 108 3.31 -2.11 21.48
C GLU B 108 2.43 -3.32 21.20
N GLU B 109 1.10 -3.19 21.30
CA GLU B 109 0.21 -4.36 21.23
C GLU B 109 -0.19 -4.66 19.79
N PRO B 110 -0.11 -5.93 19.35
CA PRO B 110 -0.35 -6.25 17.92
C PRO B 110 -1.68 -5.82 17.32
N ARG B 111 -2.80 -5.94 18.03
CA ARG B 111 -4.07 -5.45 17.49
C ARG B 111 -4.05 -3.96 17.22
N ALA B 112 -3.47 -3.20 18.15
CA ALA B 112 -3.35 -1.74 18.01
C ALA B 112 -2.43 -1.37 16.86
N ARG B 113 -1.32 -2.09 16.74
CA ARG B 113 -0.40 -1.89 15.62
C ARG B 113 -1.06 -2.15 14.25
N ALA B 114 -1.81 -3.25 14.18
CA ALA B 114 -2.54 -3.62 12.98
C ALA B 114 -3.59 -2.58 12.62
N ARG B 115 -4.27 -2.03 13.63
CA ARG B 115 -5.26 -1.01 13.38
C ARG B 115 -4.60 0.25 12.82
N ALA B 116 -3.52 0.69 13.48
CA ALA B 116 -2.76 1.85 13.02
C ALA B 116 -2.28 1.65 11.59
N ARG B 117 -1.71 0.49 11.32
CA ARG B 117 -1.23 0.16 9.96
C ARG B 117 -2.34 0.13 8.92
N SER B 118 -3.49 -0.43 9.31
CA SER B 118 -4.66 -0.49 8.42
CA SER B 118 -4.65 -0.48 8.42
C SER B 118 -5.12 0.91 8.04
N LEU B 119 -5.22 1.80 9.03
CA LEU B 119 -5.56 3.19 8.76
C LEU B 119 -4.53 3.87 7.87
N ALA B 120 -3.25 3.67 8.15
CA ALA B 120 -2.20 4.18 7.29
C ALA B 120 -2.38 3.69 5.85
N GLN B 121 -2.71 2.41 5.72
CA GLN B 121 -2.82 1.79 4.40
C GLN B 121 -4.07 2.18 3.60
N VAL B 122 -5.14 2.59 4.28
CA VAL B 122 -6.28 3.21 3.60
C VAL B 122 -5.72 4.35 2.72
N VAL B 123 -4.78 5.12 3.25
CA VAL B 123 -4.15 6.18 2.48
C VAL B 123 -3.06 5.63 1.54
N ALA B 124 -2.11 4.91 2.10
CA ALA B 124 -0.88 4.59 1.38
C ALA B 124 -1.08 3.50 0.31
N CYS B 125 -2.08 2.66 0.50
CA CYS B 125 -2.39 1.61 -0.46
C CYS B 125 -3.59 2.01 -1.30
N ASP B 126 -4.73 2.32 -0.67
CA ASP B 126 -5.95 2.45 -1.43
C ASP B 126 -6.14 3.79 -2.11
N THR B 127 -5.54 4.86 -1.60
CA THR B 127 -5.90 6.21 -2.04
C THR B 127 -4.74 6.89 -2.78
N HIS B 128 -3.63 7.08 -2.10
CA HIS B 128 -2.49 7.83 -2.66
C HIS B 128 -1.94 7.33 -4.02
N PRO B 129 -1.85 6.01 -4.20
CA PRO B 129 -1.33 5.51 -5.49
C PRO B 129 -2.17 5.89 -6.71
N LEU B 130 -3.42 6.29 -6.49
CA LEU B 130 -4.29 6.67 -7.57
C LEU B 130 -4.07 8.11 -8.04
N TYR B 131 -3.32 8.92 -7.30
CA TYR B 131 -3.14 10.31 -7.73
C TYR B 131 -1.69 10.77 -7.85
N VAL B 132 -0.76 9.83 -7.84
CA VAL B 132 0.64 10.15 -8.09
C VAL B 132 0.84 10.65 -9.53
N PRO B 133 1.90 11.45 -9.76
CA PRO B 133 2.11 12.04 -11.10
C PRO B 133 2.06 11.06 -12.28
N ARG B 134 2.69 9.91 -12.14
CA ARG B 134 2.74 8.94 -13.24
C ARG B 134 1.33 8.55 -13.69
N VAL B 135 0.39 8.45 -12.75
CA VAL B 135 -1.01 8.11 -13.07
C VAL B 135 -1.72 9.29 -13.71
N ARG B 136 -1.50 10.48 -13.18
CA ARG B 136 -2.09 11.68 -13.79
C ARG B 136 -1.65 11.82 -15.24
N THR B 137 -0.36 11.61 -15.47
CA THR B 137 0.21 11.69 -16.79
C THR B 137 -0.32 10.61 -17.72
N PHE B 138 -0.43 9.39 -17.21
CA PHE B 138 -0.98 8.29 -18.00
C PHE B 138 -2.40 8.56 -18.46
N LEU B 139 -3.24 9.04 -17.56
CA LEU B 139 -4.62 9.32 -17.90
C LEU B 139 -4.70 10.37 -19.00
N MET B 140 -3.86 11.40 -18.93
CA MET B 140 -3.90 12.45 -19.95
C MET B 140 -3.37 11.94 -21.27
N GLU B 141 -2.21 11.30 -21.24
CA GLU B 141 -1.54 10.87 -22.46
C GLU B 141 -2.23 9.67 -23.14
N ASN B 142 -2.65 8.69 -22.35
CA ASN B 142 -3.17 7.46 -22.93
C ASN B 142 -4.58 7.61 -23.46
N TYR B 143 -5.41 8.36 -22.73
CA TYR B 143 -6.79 8.56 -23.12
C TYR B 143 -7.06 9.92 -23.75
N GLY B 144 -6.05 10.78 -23.81
CA GLY B 144 -6.25 12.15 -24.29
C GLY B 144 -7.24 12.94 -23.45
N LEU B 145 -7.24 12.71 -22.14
CA LEU B 145 -8.14 13.43 -21.26
C LEU B 145 -7.52 14.81 -20.99
N PRO B 146 -8.35 15.87 -21.04
CA PRO B 146 -7.86 17.17 -20.56
C PRO B 146 -7.58 17.13 -19.06
N ARG B 147 -6.65 17.97 -18.61
CA ARG B 147 -6.28 18.04 -17.20
C ARG B 147 -7.48 18.05 -16.28
N GLU B 148 -8.46 18.89 -16.59
CA GLU B 148 -9.63 19.00 -15.74
C GLU B 148 -10.40 17.69 -15.62
N ARG B 149 -10.37 16.89 -16.68
CA ARG B 149 -11.10 15.64 -16.67
C ARG B 149 -10.28 14.56 -15.96
N MET B 150 -8.97 14.55 -16.20
CA MET B 150 -8.06 13.69 -15.44
C MET B 150 -8.25 13.91 -13.94
N LEU B 151 -8.44 15.17 -13.52
CA LEU B 151 -8.54 15.50 -12.10
C LEU B 151 -9.79 14.93 -11.43
N GLU B 152 -10.78 14.54 -12.20
CA GLU B 152 -11.93 13.85 -11.62
C GLU B 152 -11.50 12.50 -10.96
N PHE B 153 -10.49 11.86 -11.52
CA PHE B 153 -9.95 10.60 -11.01
C PHE B 153 -9.25 10.90 -9.68
N LEU B 154 -8.43 11.94 -9.69
CA LEU B 154 -7.78 12.40 -8.45
C LEU B 154 -8.79 12.76 -7.36
N ARG B 155 -9.80 13.55 -7.70
CA ARG B 155 -10.80 13.95 -6.72
C ARG B 155 -11.56 12.77 -6.15
N ASN B 156 -11.94 11.83 -7.02
CA ASN B 156 -12.65 10.64 -6.60
C ASN B 156 -11.80 9.82 -5.60
N ALA B 157 -10.50 9.73 -5.86
CA ALA B 157 -9.61 9.02 -4.94
C ALA B 157 -9.61 9.68 -3.57
N PHE B 158 -9.39 11.00 -3.53
CA PHE B 158 -9.40 11.71 -2.24
C PHE B 158 -10.70 11.52 -1.48
N ILE B 159 -11.82 11.73 -2.14
CA ILE B 159 -13.12 11.64 -1.47
C ILE B 159 -13.41 10.22 -0.97
N THR B 160 -13.08 9.24 -1.79
CA THR B 160 -13.23 7.83 -1.39
C THR B 160 -12.46 7.55 -0.09
N GLY B 161 -11.19 7.96 -0.06
CA GLY B 161 -10.33 7.71 1.11
C GLY B 161 -10.79 8.51 2.31
N LEU B 162 -11.10 9.78 2.09
CA LEU B 162 -11.62 10.63 3.18
C LEU B 162 -12.92 10.11 3.79
N LYS B 163 -13.84 9.61 2.97
CA LYS B 163 -15.07 9.02 3.52
C LYS B 163 -14.76 7.79 4.36
N THR B 164 -13.86 6.95 3.88
CA THR B 164 -13.50 5.71 4.62
C THR B 164 -12.87 6.10 5.95
N LEU B 165 -11.94 7.05 5.90
CA LEU B 165 -11.28 7.49 7.11
C LEU B 165 -12.25 8.14 8.09
N GLU B 166 -13.15 8.99 7.61
CA GLU B 166 -14.13 9.62 8.50
C GLU B 166 -15.01 8.59 9.23
N THR B 167 -15.51 7.61 8.47
CA THR B 167 -16.33 6.53 9.03
C THR B 167 -15.58 5.73 10.09
N ARG B 168 -14.35 5.33 9.76
CA ARG B 168 -13.56 4.52 10.69
C ARG B 168 -13.17 5.32 11.92
N LEU B 169 -12.62 6.51 11.71
CA LEU B 169 -12.13 7.29 12.85
C LEU B 169 -13.25 7.77 13.76
N SER B 170 -14.42 8.09 13.20
CA SER B 170 -15.53 8.62 13.99
CA SER B 170 -15.53 8.62 13.99
C SER B 170 -16.22 7.55 14.82
N ASN B 171 -16.26 6.33 14.31
CA ASN B 171 -17.04 5.26 14.94
C ASN B 171 -16.27 4.16 15.65
N GLU B 172 -14.99 4.00 15.37
CA GLU B 172 -14.23 2.91 16.00
C GLU B 172 -13.72 3.32 17.37
N ALA B 173 -13.70 2.36 18.29
CA ALA B 173 -13.27 2.60 19.67
C ALA B 173 -11.77 2.93 19.76
N GLY B 174 -10.97 2.44 18.83
CA GLY B 174 -9.54 2.64 18.92
C GLY B 174 -9.04 4.08 18.78
N THR B 175 -9.82 4.93 18.13
CA THR B 175 -9.44 6.32 17.92
C THR B 175 -9.48 7.09 19.24
N GLY B 176 -8.46 7.90 19.51
CA GLY B 176 -8.43 8.79 20.67
C GLY B 176 -8.14 10.20 20.19
N ARG B 177 -7.14 10.84 20.79
CA ARG B 177 -6.66 12.14 20.34
C ARG B 177 -6.11 12.02 18.92
N PHE B 178 -5.46 10.89 18.66
CA PHE B 178 -4.89 10.60 17.32
C PHE B 178 -5.58 9.39 16.70
N CYS B 179 -5.13 8.97 15.52
CA CYS B 179 -5.80 7.88 14.82
C CYS B 179 -5.92 6.63 15.66
N GLN B 180 -4.84 6.25 16.33
CA GLN B 180 -4.82 5.10 17.23
C GLN B 180 -4.46 5.57 18.62
N GLY B 181 -5.46 5.58 19.49
CA GLY B 181 -5.26 5.96 20.88
C GLY B 181 -4.84 7.41 20.98
N ASP B 182 -3.92 7.70 21.90
CA ASP B 182 -3.51 9.06 22.16
C ASP B 182 -2.04 9.28 21.86
N ALA B 183 -1.46 8.44 21.02
CA ALA B 183 -0.06 8.60 20.62
C ALA B 183 0.01 8.66 19.11
N VAL B 184 0.81 9.58 18.59
CA VAL B 184 1.01 9.70 17.14
CA VAL B 184 0.99 9.68 17.14
C VAL B 184 1.59 8.40 16.61
N SER B 185 1.15 7.99 15.43
CA SER B 185 1.65 6.76 14.81
C SER B 185 1.72 6.92 13.32
N HIS B 186 2.13 5.85 12.65
CA HIS B 186 2.15 5.83 11.19
C HIS B 186 0.81 6.25 10.57
N ALA B 187 -0.28 5.90 11.22
CA ALA B 187 -1.62 6.24 10.75
C ALA B 187 -1.76 7.76 10.57
N ASP B 188 -1.25 8.53 11.54
CA ASP B 188 -1.31 10.00 11.49
C ASP B 188 -0.41 10.61 10.45
N LEU B 189 0.77 10.03 10.26
CA LEU B 189 1.67 10.51 9.22
C LEU B 189 1.04 10.33 7.83
N CYS B 190 0.39 9.20 7.61
CA CYS B 190 -0.33 8.99 6.37
C CYS B 190 -1.57 9.91 6.26
N LEU B 191 -2.35 10.01 7.33
CA LEU B 191 -3.54 10.86 7.35
C LEU B 191 -3.20 12.30 6.97
N ILE B 192 -2.21 12.86 7.65
CA ILE B 192 -1.83 14.26 7.38
C ILE B 192 -1.24 14.41 5.98
N SER B 193 -0.58 13.39 5.45
CA SER B 193 -0.08 13.44 4.08
C SER B 193 -1.22 13.54 3.06
N LEU B 194 -2.34 12.92 3.35
CA LEU B 194 -3.55 13.09 2.55
C LEU B 194 -4.19 14.46 2.81
N TRP B 195 -4.30 14.84 4.08
CA TRP B 195 -4.94 16.10 4.45
C TRP B 195 -4.33 17.31 3.74
N VAL B 196 -3.00 17.39 3.71
CA VAL B 196 -2.35 18.52 3.07
C VAL B 196 -2.64 18.55 1.59
N GLY B 197 -2.87 17.38 0.99
CA GLY B 197 -3.22 17.36 -0.43
C GLY B 197 -4.59 17.93 -0.70
N THR B 198 -5.48 17.94 0.29
CA THR B 198 -6.81 18.50 0.08
C THR B 198 -6.66 20.01 -0.19
N GLY B 199 -5.72 20.65 0.49
CA GLY B 199 -5.42 22.07 0.22
C GLY B 199 -4.79 22.27 -1.15
N ILE B 200 -3.77 21.47 -1.44
CA ILE B 200 -3.00 21.58 -2.66
C ILE B 200 -3.87 21.33 -3.89
N PHE B 201 -4.74 20.32 -3.83
CA PHE B 201 -5.56 19.94 -4.98
C PHE B 201 -7.00 20.45 -4.90
N GLY B 202 -7.31 21.23 -3.87
CA GLY B 202 -8.61 21.87 -3.74
C GLY B 202 -9.80 20.95 -3.50
N ILE B 203 -9.67 20.01 -2.57
CA ILE B 203 -10.75 19.13 -2.18
C ILE B 203 -11.48 19.70 -0.97
N ASP B 204 -12.81 19.76 -1.03
CA ASP B 204 -13.61 20.22 0.09
C ASP B 204 -13.57 19.19 1.20
N THR B 205 -13.46 19.63 2.44
CA THR B 205 -13.31 18.72 3.57
C THR B 205 -14.37 18.89 4.64
N ALA B 206 -15.43 19.63 4.34
CA ALA B 206 -16.50 19.86 5.33
C ALA B 206 -17.10 18.55 5.86
N ALA B 207 -17.21 17.54 5.01
CA ALA B 207 -17.83 16.28 5.40
C ALA B 207 -16.95 15.37 6.26
N TYR B 208 -15.73 15.78 6.60
CA TYR B 208 -14.81 14.92 7.35
C TYR B 208 -14.29 15.62 8.61
N PRO B 209 -15.19 15.90 9.57
CA PRO B 209 -14.81 16.64 10.77
C PRO B 209 -13.84 15.91 11.71
N THR B 210 -13.96 14.58 11.84
CA THR B 210 -13.02 13.82 12.67
C THR B 210 -11.62 13.84 12.04
N VAL B 211 -11.56 13.65 10.73
CA VAL B 211 -10.30 13.74 9.99
C VAL B 211 -9.68 15.13 10.20
N LYS B 212 -10.49 16.17 10.13
CA LYS B 212 -10.01 17.53 10.35
C LYS B 212 -9.43 17.68 11.75
N ARG B 213 -10.18 17.22 12.76
CA ARG B 213 -9.75 17.34 14.17
C ARG B 213 -8.38 16.70 14.37
N ILE B 214 -8.21 15.50 13.87
CA ILE B 214 -6.97 14.78 14.07
C ILE B 214 -5.86 15.42 13.25
N SER B 215 -6.19 15.84 12.05
CA SER B 215 -5.18 16.43 11.18
C SER B 215 -4.61 17.69 11.78
N GLU B 216 -5.46 18.49 12.41
CA GLU B 216 -4.99 19.75 12.99
C GLU B 216 -4.21 19.49 14.29
N GLU B 217 -4.63 18.48 15.03
CA GLU B 217 -3.86 17.95 16.15
C GLU B 217 -2.42 17.54 15.75
N VAL B 218 -2.31 16.83 14.64
CA VAL B 218 -1.02 16.38 14.14
C VAL B 218 -0.19 17.54 13.60
N LEU B 219 -0.84 18.44 12.88
CA LEU B 219 -0.18 19.61 12.31
C LEU B 219 0.39 20.56 13.37
N ALA B 220 -0.24 20.57 14.53
CA ALA B 220 0.21 21.42 15.63
C ALA B 220 1.57 21.00 16.14
N LEU B 221 1.98 19.75 15.91
CA LEU B 221 3.31 19.28 16.31
C LEU B 221 4.39 19.95 15.46
N ASP B 222 5.35 20.61 16.10
CA ASP B 222 6.35 21.36 15.34
C ASP B 222 7.15 20.50 14.37
N ALA B 223 7.46 19.25 14.75
CA ALA B 223 8.18 18.35 13.85
C ALA B 223 7.40 18.12 12.54
N VAL B 224 6.06 18.09 12.64
CA VAL B 224 5.21 17.89 11.47
C VAL B 224 5.13 19.18 10.67
N ALA B 225 4.92 20.28 11.37
CA ALA B 225 4.82 21.61 10.72
C ALA B 225 6.06 21.93 9.90
N ARG B 226 7.25 21.62 10.45
CA ARG B 226 8.49 21.82 9.73
C ARG B 226 8.56 21.05 8.41
N ALA B 227 7.97 19.85 8.41
CA ALA B 227 8.05 18.95 7.25
C ALA B 227 6.99 19.22 6.18
N HIS B 228 6.08 20.16 6.46
CA HIS B 228 4.96 20.47 5.55
C HIS B 228 5.43 20.74 4.14
N PRO B 229 4.79 20.09 3.14
CA PRO B 229 5.14 20.33 1.74
C PRO B 229 5.32 21.81 1.33
N LEU B 230 4.38 22.64 1.76
CA LEU B 230 4.40 24.06 1.40
C LEU B 230 5.54 24.84 2.06
N ARG B 231 6.21 24.22 3.02
CA ARG B 231 7.41 24.83 3.64
C ARG B 231 8.71 24.30 3.10
N GLN B 232 8.64 23.44 2.08
CA GLN B 232 9.84 22.89 1.49
C GLN B 232 10.37 23.70 0.32
N PRO B 233 11.70 23.72 0.16
CA PRO B 233 12.33 24.31 -1.03
C PRO B 233 11.69 23.74 -2.29
N GLY B 234 11.34 24.61 -3.23
CA GLY B 234 10.68 24.20 -4.46
C GLY B 234 9.19 24.47 -4.42
N ALA B 235 8.63 24.64 -3.23
CA ALA B 235 7.20 24.95 -3.12
C ALA B 235 6.92 26.37 -3.62
N PRO B 236 5.67 26.66 -4.02
CA PRO B 236 5.31 27.97 -4.59
C PRO B 236 5.60 29.17 -3.68
C1 MLA C . -9.78 -8.20 -8.65
O1A MLA C . -9.99 -9.03 -7.73
O1B MLA C . -10.60 -7.98 -9.57
C2 MLA C . -8.47 -7.45 -8.61
C3 MLA C . -7.95 -7.52 -7.18
O3A MLA C . -8.57 -6.92 -6.27
O3B MLA C . -6.94 -8.20 -6.95
CL CL D . -10.11 -0.50 5.99
C1 MLA E . 1.96 12.83 -4.66
O1A MLA E . 1.71 12.93 -3.44
O1B MLA E . 2.81 12.04 -5.14
C2 MLA E . 1.14 13.70 -5.59
C3 MLA E . 2.01 14.81 -6.14
O3A MLA E . 3.00 15.17 -5.49
O3B MLA E . 1.72 15.37 -7.23
#